data_5FJC
#
_entry.id   5FJC
#
_cell.length_a   60.398
_cell.length_b   60.398
_cell.length_c   152.950
_cell.angle_alpha   90.00
_cell.angle_beta   90.00
_cell.angle_gamma   90.00
#
_symmetry.space_group_name_H-M   'P 43 21 2'
#
loop_
_entity.id
_entity.type
_entity.pdbx_description
1 polymer 'SAM-I RIBOSWITCH'
2 non-polymer S-ADENOSYLMETHIONINE
3 non-polymer 'BARIUM ION'
4 non-polymer 'POTASSIUM ION'
5 non-polymer 'MAGNESIUM ION'
6 non-polymer 'SODIUM ION'
7 water water
#
_entity_poly.entity_id   1
_entity_poly.type   'polyribonucleotide'
_entity_poly.pdbx_seq_one_letter_code
;(GTP)GCUUAUCAAGAGAGGGGGAGUGACUGGCGCGAAGAACCCCGGCAACCAGAAAUGGUGCCAAUUCCUGCAGCGGAA
ACGUUGAAAGAUGAGCCG
;
_entity_poly.pdbx_strand_id   A
#
loop_
_chem_comp.id
_chem_comp.type
_chem_comp.name
_chem_comp.formula
A RNA linking ADENOSINE-5'-MONOPHOSPHATE 'C10 H14 N5 O7 P'
BA non-polymer 'BARIUM ION' 'Ba 2'
C RNA linking CYTIDINE-5'-MONOPHOSPHATE 'C9 H14 N3 O8 P'
G RNA linking GUANOSINE-5'-MONOPHOSPHATE 'C10 H14 N5 O8 P'
GTP non-polymer GUANOSINE-5'-TRIPHOSPHATE 'C10 H16 N5 O14 P3'
K non-polymer 'POTASSIUM ION' 'K 1'
MG non-polymer 'MAGNESIUM ION' 'Mg 2'
NA non-polymer 'SODIUM ION' 'Na 1'
SAM non-polymer S-ADENOSYLMETHIONINE 'C15 H22 N6 O5 S'
U RNA linking URIDINE-5'-MONOPHOSPHATE 'C9 H13 N2 O9 P'
#
# COMPACT_ATOMS: atom_id res chain seq x y z
O3B GTP A 1 -2.03 4.13 7.35
PB GTP A 1 -2.35 3.00 6.39
O1B GTP A 1 -3.06 3.28 5.10
O2B GTP A 1 -0.97 2.27 5.99
O3A GTP A 1 -3.21 1.85 7.16
PA GTP A 1 -3.76 1.99 8.67
O1A GTP A 1 -2.62 2.50 9.52
O2A GTP A 1 -4.45 0.70 9.05
O5' GTP A 1 -4.94 3.11 8.61
C5' GTP A 1 -6.09 3.01 9.45
C4' GTP A 1 -6.76 4.36 9.78
O4' GTP A 1 -6.07 5.01 10.85
C3' GTP A 1 -6.81 5.39 8.64
O3' GTP A 1 -7.98 5.30 7.83
C2' GTP A 1 -6.77 6.71 9.38
O2' GTP A 1 -8.07 7.12 9.82
C1' GTP A 1 -5.88 6.40 10.56
N9 GTP A 1 -4.48 6.61 10.14
C8 GTP A 1 -3.55 5.66 9.94
N7 GTP A 1 -2.37 6.20 9.55
C5 GTP A 1 -2.56 7.52 9.46
C6 GTP A 1 -1.73 8.68 9.10
O6 GTP A 1 -0.54 8.54 8.75
N1 GTP A 1 -2.33 9.87 9.16
C2 GTP A 1 -3.60 10.07 9.51
N2 GTP A 1 -4.07 11.33 9.53
N3 GTP A 1 -4.41 9.05 9.86
C4 GTP A 1 -3.94 7.79 9.86
H5' GTP A 1 -6.83 2.37 8.97
H5'' GTP A 1 -5.80 2.53 10.39
H4' GTP A 1 -7.80 4.16 10.10
H3' GTP A 1 -5.91 5.28 8.03
HO3' GTP A 1 -7.94 5.96 7.13
H2' GTP A 1 -6.30 7.48 8.75
HO2' GTP A 1 -8.64 7.25 9.06
H1' GTP A 1 -6.14 7.03 11.42
H8 GTP A 1 -3.71 4.59 10.10
HN1 GTP A 1 -1.75 10.70 8.90
HN21 GTP A 1 -3.47 12.10 9.27
HN22 GTP A 1 -5.02 11.51 9.80
N SAM B . 7.93 -3.23 -7.03
CA SAM B . 6.87 -3.90 -7.81
C SAM B . 7.43 -4.73 -8.98
O SAM B . 6.67 -5.43 -9.66
OXT SAM B . 8.63 -4.74 -9.26
CB SAM B . 5.82 -2.91 -8.32
CG SAM B . 5.08 -2.15 -7.22
SD SAM B . 3.82 -0.98 -7.83
CE SAM B . 2.76 -2.03 -8.86
C5' SAM B . 4.70 0.02 -9.06
C4' SAM B . 5.47 1.12 -8.33
O4' SAM B . 6.44 0.52 -7.50
C3' SAM B . 6.26 2.03 -9.25
O3' SAM B . 5.48 3.12 -9.71
C2' SAM B . 7.40 2.46 -8.34
O2' SAM B . 7.09 3.70 -7.78
C1' SAM B . 7.46 1.42 -7.22
N9 SAM B . 8.76 0.73 -7.23
C8 SAM B . 9.65 0.65 -6.19
N7 SAM B . 10.72 -0.05 -6.60
C5 SAM B . 10.54 -0.44 -7.89
C6 SAM B . 11.32 -1.16 -8.78
N6 SAM B . 12.50 -1.64 -8.43
N1 SAM B . 10.85 -1.40 -10.06
C2 SAM B . 9.62 -0.92 -10.44
N3 SAM B . 8.87 -0.18 -9.56
C4 SAM B . 9.31 0.04 -8.30
BA BA C . 20.00 5.50 -13.87
BA BA D . -13.96 -4.06 -13.69
BA BA E . 3.93 -6.48 -9.90
BA BA F . -20.97 -4.31 -15.50
BA BA G . -6.23 4.12 -6.44
BA BA H . 12.99 -24.31 4.67
BA BA I . -2.82 -28.56 -1.59
BA BA J . 0.33 5.61 8.81
BA BA K . 18.16 -8.65 -3.76
BA BA L . 4.39 9.90 11.00
BA BA M . 20.65 -0.94 -7.96
BA BA N . 12.97 -19.51 1.71
BA BA O . -7.60 -6.96 -5.96
BA BA P . -11.82 -12.71 0.29
BA BA Q . 2.72 -7.34 -11.66
BA BA R . -6.82 -20.95 6.51
BA BA S . 19.20 9.60 -11.64
BA BA T . -29.29 -3.82 -20.08
BA BA U . -7.31 -25.49 3.33
BA BA V . -3.32 -27.81 1.43
BA BA W . 3.48 -9.84 -13.25
K K X . 0.39 6.38 -2.20
K K Y . 3.48 -13.47 -14.25
K K Z . -4.61 7.13 -0.79
K K AA . 6.21 -25.18 19.72
MG MG BA . 5.52 -16.38 -13.09
MG MG CA . -26.26 -4.21 -17.32
NA NA DA . -16.12 4.40 -9.82
#